data_7YB8
#
_entry.id   7YB8
#
_cell.length_a   49.879
_cell.length_b   91.063
_cell.length_c   122.351
_cell.angle_alpha   90.000
_cell.angle_beta   90.000
_cell.angle_gamma   90.000
#
_symmetry.space_group_name_H-M   'P 21 21 21'
#
loop_
_entity.id
_entity.type
_entity.pdbx_description
1 polymer 'Aspartyl/asparaginyl beta-hydroxylase'
2 polymer 'Coagulation factor X'
3 non-polymer GLYCEROL
4 non-polymer 'MANGANESE (II) ION'
5 non-polymer '(2R)-2-hydroxypentanedioic acid'
6 water water
#
loop_
_entity_poly.entity_id
_entity_poly.type
_entity_poly.pdbx_seq_one_letter_code
_entity_poly.pdbx_strand_id
1 'polypeptide(L)'
;KPKLLNKFDKTIKAELDAAEKLRKRGKIEEAVNAFKELVRKYPQSPRARYGKAQCEDDLAEKRRSNEVLRGAIETYQEVA
SLPDVPADLLKLSLKRRSDRQQFLGHMRGSLLTLQRLVQLFPNDTSLKNDLGVGYLLIGDNDNAKKVYEEVLSVTPNDGF
AKVHYGFILKAQNKIAESIPYLKEGIESGDPGTDDGRFYFHLGDAMQRVGNKEAYKWYELGHKRGHFASVWQRSLYNVNG
LKAQPWWTPKETGYTELVKSLERNWKLIRDEGLAVMDKAKGLFLPEDENLREKGDWSQFTLWQQGRRNENACKGAPKTCT
LLEKFPETTGCRRGQIKYSIMHPGTHVWPHTGPTNCRLRMHLGLVIPKEGCKIRCANETKTWEEGKVLIFDDSFEHEVWQ
DASSFRLIFIVDVWHPELTPQQRRSLPAI
;
A
2 'polypeptide(L)' DGDQSETSPSQNQGKCKDGLGEYTCTSLEGFEGKNSELF B
#
loop_
_chem_comp.id
_chem_comp.type
_chem_comp.name
_chem_comp.formula
2HG non-polymer '(2R)-2-hydroxypentanedioic acid' 'C5 H8 O5'
GOL non-polymer GLYCEROL 'C3 H8 O3'
MN non-polymer 'MANGANESE (II) ION' 'Mn 2'
#
# COMPACT_ATOMS: atom_id res chain seq x y z
N LYS A 1 -5.74 2.39 35.33
CA LYS A 1 -4.83 3.49 35.02
C LYS A 1 -3.38 3.05 35.25
N PRO A 2 -2.52 3.24 34.25
CA PRO A 2 -1.22 2.57 34.27
C PRO A 2 -0.33 3.03 35.41
N LYS A 3 0.49 2.10 35.89
CA LYS A 3 1.48 2.35 36.93
C LYS A 3 2.82 2.62 36.25
N LEU A 4 3.28 3.87 36.30
CA LEU A 4 4.45 4.30 35.55
C LEU A 4 5.62 4.75 36.41
N LEU A 5 5.49 4.71 37.74
CA LEU A 5 6.50 5.25 38.65
C LEU A 5 7.06 4.13 39.50
N ASN A 6 8.35 3.83 39.33
CA ASN A 6 9.02 2.90 40.23
C ASN A 6 9.20 3.55 41.60
N LYS A 7 9.89 2.84 42.50
CA LYS A 7 10.00 3.29 43.88
C LYS A 7 10.59 4.69 43.94
N PHE A 8 11.72 4.92 43.26
CA PHE A 8 12.38 6.22 43.36
C PHE A 8 11.58 7.31 42.66
N ASP A 9 10.88 6.98 41.57
CA ASP A 9 10.12 7.99 40.85
C ASP A 9 8.99 8.57 41.70
N LYS A 10 8.42 7.78 42.59
CA LYS A 10 7.36 8.29 43.45
C LYS A 10 7.90 9.32 44.46
N THR A 11 9.16 9.17 44.88
CA THR A 11 9.75 10.15 45.78
C THR A 11 9.92 11.51 45.11
N ILE A 12 9.96 11.54 43.77
CA ILE A 12 10.09 12.78 43.02
C ILE A 12 8.86 13.05 42.16
N LYS A 13 7.72 12.47 42.53
CA LYS A 13 6.52 12.63 41.71
C LYS A 13 6.12 14.09 41.57
N ALA A 14 6.45 14.92 42.57
CA ALA A 14 6.15 16.35 42.48
C ALA A 14 6.81 16.97 41.27
N GLU A 15 8.14 16.88 41.19
CA GLU A 15 8.87 17.46 40.06
C GLU A 15 8.38 16.87 38.74
N LEU A 16 8.16 15.56 38.68
CA LEU A 16 7.74 14.94 37.44
C LEU A 16 6.33 15.40 37.05
N ASP A 17 5.43 15.52 38.02
CA ASP A 17 4.10 16.05 37.72
C ASP A 17 4.19 17.46 37.17
N ALA A 18 5.07 18.29 37.75
CA ALA A 18 5.19 19.67 37.28
C ALA A 18 5.70 19.72 35.85
N ALA A 19 6.67 18.86 35.51
CA ALA A 19 7.18 18.83 34.14
C ALA A 19 6.11 18.33 33.17
N GLU A 20 5.39 17.27 33.55
CA GLU A 20 4.31 16.77 32.70
C GLU A 20 3.23 17.84 32.52
N LYS A 21 2.87 18.53 33.59
CA LYS A 21 1.85 19.58 33.50
C LYS A 21 2.22 20.60 32.43
N LEU A 22 3.49 20.98 32.37
CA LEU A 22 3.92 21.93 31.34
C LEU A 22 3.75 21.35 29.95
N ARG A 23 3.92 20.04 29.79
CA ARG A 23 3.76 19.42 28.48
C ARG A 23 2.29 19.34 28.08
N LYS A 24 1.41 18.99 29.02
CA LYS A 24 -0.01 18.89 28.74
C LYS A 24 -0.68 20.24 28.61
N ARG A 25 -0.08 21.30 29.20
CA ARG A 25 -0.52 22.66 28.95
C ARG A 25 -0.08 23.18 27.58
N GLY A 26 0.74 22.42 26.85
CA GLY A 26 1.18 22.79 25.54
C GLY A 26 2.49 23.57 25.49
N LYS A 27 2.93 24.14 26.61
CA LYS A 27 4.20 24.86 26.67
C LYS A 27 5.31 23.84 26.49
N ILE A 28 5.59 23.52 25.22
CA ILE A 28 6.39 22.34 24.90
C ILE A 28 7.86 22.54 25.23
N GLU A 29 8.42 23.70 24.88
CA GLU A 29 9.84 23.91 25.11
C GLU A 29 10.15 24.04 26.60
N GLU A 30 9.29 24.74 27.35
CA GLU A 30 9.41 24.73 28.80
C GLU A 30 9.45 23.30 29.32
N ALA A 31 8.66 22.41 28.72
CA ALA A 31 8.54 21.05 29.24
C ALA A 31 9.77 20.22 28.95
N VAL A 32 10.40 20.41 27.79
CA VAL A 32 11.61 19.66 27.49
C VAL A 32 12.74 20.11 28.43
N ASN A 33 12.87 21.41 28.65
CA ASN A 33 13.85 21.90 29.60
C ASN A 33 13.64 21.26 30.97
N ALA A 34 12.39 21.25 31.43
CA ALA A 34 12.09 20.64 32.72
C ALA A 34 12.48 19.17 32.74
N PHE A 35 12.20 18.44 31.65
CA PHE A 35 12.48 17.01 31.64
C PHE A 35 13.96 16.72 31.44
N LYS A 36 14.65 17.51 30.61
CA LYS A 36 16.09 17.37 30.51
C LYS A 36 16.77 17.75 31.83
N GLU A 37 16.23 18.74 32.54
CA GLU A 37 16.69 19.04 33.89
C GLU A 37 16.58 17.80 34.77
N LEU A 38 15.39 17.20 34.84
CA LEU A 38 15.19 16.02 35.68
C LEU A 38 16.08 14.87 35.21
N VAL A 39 16.29 14.74 33.91
CA VAL A 39 17.12 13.65 33.40
C VAL A 39 18.55 13.80 33.88
N ARG A 40 19.06 15.03 33.93
CA ARG A 40 20.41 15.25 34.44
C ARG A 40 20.48 14.95 35.94
N LYS A 41 19.53 15.48 36.71
CA LYS A 41 19.58 15.31 38.15
C LYS A 41 19.25 13.89 38.57
N TYR A 42 18.39 13.21 37.83
CA TYR A 42 17.98 11.83 38.13
C TYR A 42 18.22 10.99 36.88
N PRO A 43 19.47 10.66 36.58
CA PRO A 43 19.78 10.02 35.29
C PRO A 43 19.20 8.63 35.12
N GLN A 44 18.80 7.96 36.20
CA GLN A 44 18.23 6.62 36.12
C GLN A 44 16.71 6.62 36.12
N SER A 45 16.08 7.79 36.15
CA SER A 45 14.63 7.86 36.25
C SER A 45 13.97 7.42 34.94
N PRO A 46 13.17 6.35 34.93
CA PRO A 46 12.46 6.00 33.68
C PRO A 46 11.39 7.01 33.31
N ARG A 47 10.68 7.56 34.29
CA ARG A 47 9.61 8.50 33.99
C ARG A 47 10.17 9.81 33.43
N ALA A 48 11.25 10.32 34.03
CA ALA A 48 11.88 11.51 33.49
C ALA A 48 12.34 11.28 32.06
N ARG A 49 12.92 10.11 31.79
CA ARG A 49 13.37 9.79 30.44
C ARG A 49 12.18 9.66 29.48
N TYR A 50 11.12 8.99 29.93
CA TYR A 50 9.90 8.91 29.12
C TYR A 50 9.35 10.31 28.84
N GLY A 51 9.37 11.18 29.84
CA GLY A 51 8.89 12.54 29.63
C GLY A 51 9.68 13.27 28.57
N LYS A 52 11.01 13.15 28.63
CA LYS A 52 11.85 13.73 27.58
C LYS A 52 11.45 13.20 26.21
N ALA A 53 11.17 11.89 26.12
CA ALA A 53 10.78 11.30 24.84
C ALA A 53 9.43 11.86 24.37
N GLN A 54 8.43 11.83 25.24
CA GLN A 54 7.11 12.34 24.87
C GLN A 54 7.20 13.78 24.39
N CYS A 55 7.94 14.62 25.11
CA CYS A 55 8.04 16.03 24.71
C CYS A 55 8.72 16.16 23.35
N GLU A 56 9.74 15.36 23.09
CA GLU A 56 10.33 15.33 21.76
C GLU A 56 9.31 14.87 20.74
N ASP A 57 8.41 13.96 21.12
CA ASP A 57 7.36 13.52 20.21
C ASP A 57 6.40 14.67 19.92
N ASP A 58 5.87 15.31 20.96
CA ASP A 58 4.97 16.44 20.76
C ASP A 58 5.64 17.54 19.95
N LEU A 59 6.94 17.77 20.17
CA LEU A 59 7.62 18.85 19.47
C LEU A 59 7.74 18.56 17.98
N ALA A 60 8.02 17.30 17.62
CA ALA A 60 8.05 16.93 16.22
C ALA A 60 6.68 17.15 15.57
N GLU A 61 5.61 16.85 16.30
CA GLU A 61 4.27 17.09 15.79
C GLU A 61 4.05 18.57 15.51
N LYS A 62 4.34 19.43 16.49
CA LYS A 62 4.16 20.86 16.31
C LYS A 62 4.98 21.37 15.13
N ARG A 63 6.25 20.96 15.04
CA ARG A 63 7.11 21.39 13.95
C ARG A 63 6.95 20.56 12.70
N ARG A 64 6.25 19.42 12.76
CA ARG A 64 6.09 18.53 11.61
C ARG A 64 7.44 18.12 11.04
N SER A 65 8.41 17.89 11.92
CA SER A 65 9.79 17.63 11.54
C SER A 65 10.15 16.19 11.89
N ASN A 66 10.45 15.39 10.86
CA ASN A 66 10.98 14.05 11.11
C ASN A 66 12.26 14.11 11.93
N GLU A 67 13.08 15.13 11.68
CA GLU A 67 14.23 15.47 12.50
C GLU A 67 13.96 15.22 13.98
N VAL A 68 13.03 15.99 14.55
CA VAL A 68 12.77 15.93 15.99
C VAL A 68 12.28 14.53 16.39
N LEU A 69 11.47 13.90 15.53
CA LEU A 69 10.88 12.62 15.90
C LEU A 69 11.92 11.51 15.94
N ARG A 70 12.96 11.58 15.10
CA ARG A 70 14.03 10.60 15.20
C ARG A 70 14.72 10.67 16.56
N GLY A 71 14.83 11.87 17.12
CA GLY A 71 15.39 11.98 18.46
C GLY A 71 14.52 11.31 19.50
N ALA A 72 13.20 11.57 19.44
CA ALA A 72 12.28 10.92 20.36
C ALA A 72 12.39 9.40 20.30
N ILE A 73 12.66 8.86 19.10
CA ILE A 73 12.74 7.42 18.95
C ILE A 73 13.90 6.85 19.74
N GLU A 74 15.01 7.58 19.84
CA GLU A 74 16.14 7.10 20.64
C GLU A 74 15.90 7.26 22.13
N THR A 75 15.20 8.32 22.54
CA THR A 75 14.88 8.50 23.94
C THR A 75 13.92 7.41 24.42
N TYR A 76 12.89 7.11 23.62
CA TYR A 76 12.02 5.98 23.95
C TYR A 76 12.83 4.72 24.19
N GLN A 77 13.89 4.51 23.41
CA GLN A 77 14.76 3.38 23.63
CA GLN A 77 14.77 3.38 23.63
C GLN A 77 15.56 3.55 24.91
N GLU A 78 16.07 4.76 25.17
CA GLU A 78 16.81 5.01 26.39
C GLU A 78 16.00 4.61 27.62
N VAL A 79 14.69 4.86 27.59
CA VAL A 79 13.82 4.51 28.71
C VAL A 79 13.96 3.02 29.03
N ALA A 80 13.82 2.18 28.00
CA ALA A 80 13.88 0.73 28.21
C ALA A 80 15.25 0.28 28.69
N SER A 81 16.30 1.07 28.44
CA SER A 81 17.65 0.68 28.85
C SER A 81 17.92 0.96 30.33
N LEU A 82 17.03 1.67 31.01
CA LEU A 82 17.28 2.09 32.38
C LEU A 82 16.93 0.97 33.37
N PRO A 83 17.41 1.08 34.60
CA PRO A 83 17.09 0.07 35.61
C PRO A 83 15.71 0.26 36.21
N ASP A 84 15.10 -0.86 36.57
CA ASP A 84 13.84 -0.89 37.32
C ASP A 84 12.76 -0.07 36.62
N VAL A 85 12.45 -0.46 35.38
CA VAL A 85 11.41 0.21 34.61
C VAL A 85 10.08 -0.49 34.87
N PRO A 86 9.03 0.22 35.28
CA PRO A 86 7.73 -0.44 35.46
C PRO A 86 7.23 -1.04 34.15
N ALA A 87 6.64 -2.23 34.25
CA ALA A 87 6.24 -2.97 33.06
C ALA A 87 5.33 -2.13 32.17
N ASP A 88 4.37 -1.41 32.76
CA ASP A 88 3.46 -0.60 31.96
C ASP A 88 4.23 0.46 31.18
N LEU A 89 5.21 1.11 31.83
CA LEU A 89 6.00 2.13 31.15
C LEU A 89 6.90 1.52 30.10
N LEU A 90 7.51 0.37 30.40
CA LEU A 90 8.35 -0.31 29.42
C LEU A 90 7.58 -0.63 28.16
N LYS A 91 6.33 -1.07 28.30
CA LYS A 91 5.52 -1.43 27.14
C LYS A 91 5.09 -0.17 26.37
N LEU A 92 4.60 0.84 27.09
CA LEU A 92 4.23 2.10 26.44
C LEU A 92 5.39 2.67 25.64
N SER A 93 6.59 2.67 26.23
CA SER A 93 7.73 3.35 25.60
C SER A 93 8.15 2.65 24.31
N LEU A 94 8.27 1.33 24.35
CA LEU A 94 8.74 0.60 23.18
C LEU A 94 7.66 0.49 22.10
N LYS A 95 6.39 0.50 22.48
CA LYS A 95 5.33 0.49 21.48
C LYS A 95 5.30 1.82 20.72
N ARG A 96 5.30 2.94 21.44
CA ARG A 96 5.35 4.23 20.77
C ARG A 96 6.60 4.34 19.89
N ARG A 97 7.70 3.75 20.33
N ARG A 97 7.71 3.77 20.34
CA ARG A 97 8.90 3.75 19.51
CA ARG A 97 8.91 3.74 19.51
C ARG A 97 8.66 3.01 18.19
C ARG A 97 8.65 3.03 18.19
N SER A 98 8.07 1.82 18.26
CA SER A 98 7.77 1.08 17.04
C SER A 98 6.77 1.84 16.17
N ASP A 99 5.71 2.39 16.77
CA ASP A 99 4.71 3.11 15.99
C ASP A 99 5.34 4.29 15.25
N ARG A 100 6.16 5.08 15.95
CA ARG A 100 6.78 6.24 15.31
C ARG A 100 7.81 5.82 14.27
N GLN A 101 8.48 4.68 14.47
CA GLN A 101 9.37 4.17 13.44
C GLN A 101 8.60 3.81 12.18
N GLN A 102 7.39 3.28 12.33
CA GLN A 102 6.55 3.01 11.16
C GLN A 102 6.07 4.31 10.52
N PHE A 103 5.72 5.30 11.35
CA PHE A 103 5.32 6.60 10.82
C PHE A 103 6.41 7.20 9.95
N LEU A 104 7.68 6.93 10.25
CA LEU A 104 8.79 7.46 9.49
C LEU A 104 9.19 6.56 8.32
N GLY A 105 8.64 5.36 8.23
CA GLY A 105 9.03 4.43 7.19
C GLY A 105 10.17 3.51 7.55
N HIS A 106 10.61 3.51 8.81
CA HIS A 106 11.71 2.64 9.26
C HIS A 106 11.09 1.30 9.65
N MET A 107 10.74 0.51 8.64
CA MET A 107 10.00 -0.72 8.87
C MET A 107 10.87 -1.82 9.46
N ARG A 108 12.16 -1.86 9.13
CA ARG A 108 13.04 -2.86 9.71
C ARG A 108 13.41 -2.51 11.14
N GLY A 109 13.48 -1.21 11.46
CA GLY A 109 13.71 -0.81 12.84
C GLY A 109 12.48 -1.05 13.71
N SER A 110 11.30 -0.74 13.18
CA SER A 110 10.06 -1.03 13.91
C SER A 110 9.95 -2.52 14.20
N LEU A 111 10.29 -3.36 13.22
CA LEU A 111 10.22 -4.80 13.44
C LEU A 111 11.13 -5.24 14.58
N LEU A 112 12.34 -4.69 14.64
CA LEU A 112 13.27 -5.06 15.70
C LEU A 112 12.67 -4.78 17.08
N THR A 113 12.09 -3.59 17.25
CA THR A 113 11.46 -3.26 18.52
C THR A 113 10.30 -4.20 18.83
N LEU A 114 9.47 -4.49 17.83
CA LEU A 114 8.33 -5.39 18.05
C LEU A 114 8.79 -6.75 18.53
N GLN A 115 9.84 -7.30 17.92
CA GLN A 115 10.38 -8.58 18.38
C GLN A 115 10.82 -8.49 19.83
N ARG A 116 11.48 -7.40 20.21
CA ARG A 116 11.87 -7.21 21.60
C ARG A 116 10.64 -7.18 22.51
N LEU A 117 9.60 -6.45 22.10
CA LEU A 117 8.39 -6.35 22.91
C LEU A 117 7.77 -7.71 23.17
N VAL A 118 7.78 -8.60 22.18
CA VAL A 118 7.12 -9.89 22.33
C VAL A 118 7.89 -10.78 23.29
N GLN A 119 9.22 -10.69 23.26
CA GLN A 119 10.04 -11.47 24.21
C GLN A 119 9.82 -10.97 25.63
N LEU A 120 9.73 -9.65 25.81
CA LEU A 120 9.56 -9.09 27.15
C LEU A 120 8.18 -9.42 27.72
N PHE A 121 7.15 -9.42 26.87
CA PHE A 121 5.76 -9.63 27.29
C PHE A 121 5.19 -10.80 26.50
N PRO A 122 5.55 -12.03 26.85
CA PRO A 122 5.16 -13.19 26.02
C PRO A 122 3.69 -13.57 26.13
N ASN A 123 2.94 -13.04 27.10
CA ASN A 123 1.52 -13.36 27.24
C ASN A 123 0.62 -12.29 26.65
N ASP A 124 1.17 -11.21 26.12
CA ASP A 124 0.38 -10.15 25.51
C ASP A 124 0.07 -10.54 24.07
N THR A 125 -1.18 -10.94 23.82
CA THR A 125 -1.58 -11.32 22.48
C THR A 125 -1.59 -10.14 21.52
N SER A 126 -1.91 -8.94 22.02
CA SER A 126 -1.96 -7.77 21.14
C SER A 126 -0.61 -7.46 20.54
N LEU A 127 0.48 -7.74 21.26
CA LEU A 127 1.80 -7.42 20.74
C LEU A 127 2.24 -8.41 19.66
N LYS A 128 1.78 -9.66 19.73
CA LYS A 128 2.06 -10.59 18.64
C LYS A 128 1.30 -10.19 17.38
N ASN A 129 0.07 -9.69 17.54
CA ASN A 129 -0.64 -9.12 16.40
C ASN A 129 0.15 -7.97 15.79
N ASP A 130 0.66 -7.07 16.63
CA ASP A 130 1.47 -5.97 16.12
C ASP A 130 2.75 -6.48 15.45
N LEU A 131 3.33 -7.55 15.99
CA LEU A 131 4.53 -8.12 15.39
C LEU A 131 4.24 -8.66 14.00
N GLY A 132 3.09 -9.31 13.82
CA GLY A 132 2.71 -9.79 12.50
C GLY A 132 2.64 -8.66 11.49
N VAL A 133 2.06 -7.53 11.90
CA VAL A 133 2.02 -6.36 11.02
C VAL A 133 3.43 -5.95 10.63
N GLY A 134 4.34 -5.93 11.59
CA GLY A 134 5.72 -5.58 11.28
C GLY A 134 6.33 -6.46 10.20
N TYR A 135 6.06 -7.77 10.28
CA TYR A 135 6.54 -8.67 9.23
C TYR A 135 5.89 -8.35 7.89
N LEU A 136 4.56 -8.16 7.90
CA LEU A 136 3.86 -7.85 6.65
C LEU A 136 4.42 -6.58 6.01
N LEU A 137 4.78 -5.59 6.83
CA LEU A 137 5.24 -4.31 6.30
C LEU A 137 6.60 -4.43 5.61
N ILE A 138 7.41 -5.42 5.95
CA ILE A 138 8.67 -5.67 5.25
C ILE A 138 8.53 -6.73 4.17
N GLY A 139 7.31 -7.24 3.95
CA GLY A 139 7.11 -8.25 2.92
C GLY A 139 7.48 -9.65 3.32
N ASP A 140 7.60 -9.93 4.63
CA ASP A 140 7.94 -11.26 5.11
C ASP A 140 6.64 -11.93 5.58
N ASN A 141 5.84 -12.38 4.62
CA ASN A 141 4.55 -12.96 4.94
C ASN A 141 4.68 -14.36 5.55
N ASP A 142 5.78 -15.05 5.31
CA ASP A 142 5.98 -16.36 5.93
C ASP A 142 6.00 -16.24 7.45
N ASN A 143 6.82 -15.34 7.98
CA ASN A 143 6.88 -15.15 9.43
C ASN A 143 5.59 -14.52 9.95
N ALA A 144 5.01 -13.59 9.19
CA ALA A 144 3.73 -13.02 9.57
C ALA A 144 2.68 -14.12 9.75
N LYS A 145 2.69 -15.12 8.87
CA LYS A 145 1.72 -16.20 8.95
C LYS A 145 1.90 -16.99 10.25
N LYS A 146 3.14 -17.39 10.55
CA LYS A 146 3.38 -18.17 11.76
C LYS A 146 2.97 -17.39 13.01
N VAL A 147 3.23 -16.08 13.02
CA VAL A 147 2.83 -15.26 14.16
C VAL A 147 1.33 -15.36 14.39
N TYR A 148 0.55 -15.17 13.32
CA TYR A 148 -0.91 -15.20 13.47
C TYR A 148 -1.44 -16.61 13.69
N GLU A 149 -0.69 -17.63 13.25
CA GLU A 149 -1.07 -19.00 13.61
C GLU A 149 -0.94 -19.24 15.10
N GLU A 150 0.15 -18.77 15.70
CA GLU A 150 0.32 -18.90 17.14
C GLU A 150 -0.77 -18.13 17.89
N VAL A 151 -1.04 -16.89 17.46
CA VAL A 151 -2.11 -16.11 18.08
C VAL A 151 -3.42 -16.88 18.05
N LEU A 152 -3.72 -17.51 16.91
CA LEU A 152 -4.96 -18.27 16.80
C LEU A 152 -4.93 -19.57 17.59
N SER A 153 -3.73 -20.10 17.87
CA SER A 153 -3.62 -21.32 18.67
C SER A 153 -3.90 -21.09 20.14
N VAL A 154 -3.92 -19.84 20.61
CA VAL A 154 -4.16 -19.52 22.00
C VAL A 154 -5.48 -18.77 22.18
N THR A 155 -5.77 -17.83 21.27
CA THR A 155 -7.03 -17.08 21.26
C THR A 155 -7.64 -17.24 19.88
N PRO A 156 -8.31 -18.37 19.62
CA PRO A 156 -8.71 -18.68 18.24
C PRO A 156 -9.79 -17.78 17.66
N ASN A 157 -10.48 -16.99 18.49
CA ASN A 157 -11.48 -16.06 18.00
C ASN A 157 -10.98 -14.61 17.99
N ASP A 158 -9.67 -14.42 17.95
CA ASP A 158 -9.09 -13.09 17.83
C ASP A 158 -9.37 -12.55 16.43
N GLY A 159 -10.24 -11.54 16.34
CA GLY A 159 -10.63 -11.05 15.02
C GLY A 159 -9.47 -10.48 14.24
N PHE A 160 -8.63 -9.67 14.89
CA PHE A 160 -7.47 -9.09 14.22
C PHE A 160 -6.60 -10.19 13.61
N ALA A 161 -6.30 -11.23 14.38
CA ALA A 161 -5.48 -12.32 13.87
C ALA A 161 -6.20 -13.08 12.76
N LYS A 162 -7.53 -13.07 12.76
CA LYS A 162 -8.27 -13.79 11.72
C LYS A 162 -8.15 -13.09 10.37
N VAL A 163 -8.49 -11.80 10.31
CA VAL A 163 -8.45 -11.08 9.04
C VAL A 163 -7.03 -11.13 8.45
N HIS A 164 -6.02 -10.91 9.30
CA HIS A 164 -4.66 -10.89 8.78
C HIS A 164 -4.21 -12.27 8.34
N TYR A 165 -4.68 -13.33 9.01
CA TYR A 165 -4.41 -14.68 8.52
C TYR A 165 -5.12 -14.91 7.19
N GLY A 166 -6.39 -14.51 7.09
CA GLY A 166 -7.09 -14.61 5.83
C GLY A 166 -6.41 -13.81 4.73
N PHE A 167 -5.99 -12.58 5.04
CA PHE A 167 -5.27 -11.76 4.06
C PHE A 167 -4.04 -12.51 3.54
N ILE A 168 -3.26 -13.09 4.45
CA ILE A 168 -2.05 -13.80 4.04
C ILE A 168 -2.43 -15.01 3.17
N LEU A 169 -3.44 -15.76 3.60
CA LEU A 169 -3.87 -16.92 2.82
C LEU A 169 -4.28 -16.51 1.42
N LYS A 170 -5.07 -15.44 1.30
CA LYS A 170 -5.54 -15.00 0.00
C LYS A 170 -4.38 -14.57 -0.88
N ALA A 171 -3.39 -13.87 -0.31
CA ALA A 171 -2.24 -13.44 -1.10
C ALA A 171 -1.46 -14.63 -1.66
N GLN A 172 -1.50 -15.77 -0.96
CA GLN A 172 -0.85 -16.98 -1.43
C GLN A 172 -1.76 -17.84 -2.31
N ASN A 173 -2.90 -17.30 -2.73
CA ASN A 173 -3.82 -17.95 -3.66
C ASN A 173 -4.55 -19.14 -3.03
N LYS A 174 -4.61 -19.20 -1.70
CA LYS A 174 -5.47 -20.17 -1.02
C LYS A 174 -6.81 -19.49 -0.79
N ILE A 175 -7.57 -19.39 -1.89
CA ILE A 175 -8.71 -18.49 -1.94
C ILE A 175 -9.85 -18.98 -1.04
N ALA A 176 -10.25 -20.24 -1.23
CA ALA A 176 -11.37 -20.77 -0.45
C ALA A 176 -11.06 -20.71 1.04
N GLU A 177 -9.85 -21.11 1.43
CA GLU A 177 -9.49 -21.12 2.84
C GLU A 177 -9.46 -19.71 3.42
N SER A 178 -9.14 -18.72 2.59
CA SER A 178 -9.06 -17.34 3.07
C SER A 178 -10.42 -16.83 3.52
N ILE A 179 -11.49 -17.26 2.85
CA ILE A 179 -12.78 -16.61 3.01
C ILE A 179 -13.29 -16.67 4.45
N PRO A 180 -13.39 -17.83 5.10
CA PRO A 180 -13.92 -17.84 6.47
C PRO A 180 -13.16 -16.92 7.42
N TYR A 181 -11.83 -16.88 7.30
CA TYR A 181 -11.05 -16.02 8.19
C TYR A 181 -11.36 -14.55 7.96
N LEU A 182 -11.31 -14.11 6.69
CA LEU A 182 -11.63 -12.71 6.38
C LEU A 182 -13.04 -12.36 6.85
N LYS A 183 -14.01 -13.23 6.54
CA LYS A 183 -15.40 -12.94 6.91
C LYS A 183 -15.57 -12.90 8.42
N GLU A 184 -15.18 -13.99 9.10
CA GLU A 184 -15.32 -14.04 10.56
C GLU A 184 -14.55 -12.90 11.23
N GLY A 185 -13.42 -12.50 10.66
CA GLY A 185 -12.65 -11.42 11.26
C GLY A 185 -13.33 -10.07 11.12
N ILE A 186 -13.91 -9.81 9.94
CA ILE A 186 -14.65 -8.55 9.77
C ILE A 186 -15.87 -8.52 10.66
N GLU A 187 -16.53 -9.67 10.83
CA GLU A 187 -17.76 -9.71 11.60
C GLU A 187 -17.50 -9.59 13.10
N SER A 188 -16.31 -10.00 13.56
CA SER A 188 -15.99 -9.87 14.97
C SER A 188 -16.10 -8.43 15.45
N GLY A 189 -15.88 -7.47 14.55
CA GLY A 189 -15.88 -6.08 14.93
C GLY A 189 -14.75 -5.68 15.83
N ASP A 190 -13.75 -6.55 16.03
CA ASP A 190 -12.63 -6.23 16.88
C ASP A 190 -11.88 -5.00 16.35
N PRO A 191 -11.13 -4.32 17.20
CA PRO A 191 -10.32 -3.19 16.71
C PRO A 191 -9.31 -3.66 15.68
N GLY A 192 -9.26 -2.95 14.56
CA GLY A 192 -8.34 -3.27 13.47
C GLY A 192 -8.93 -4.14 12.38
N THR A 193 -10.19 -4.54 12.49
CA THR A 193 -10.82 -5.37 11.48
C THR A 193 -11.65 -4.57 10.48
N ASP A 194 -12.08 -3.36 10.84
CA ASP A 194 -12.81 -2.49 9.92
C ASP A 194 -11.79 -1.78 9.03
N ASP A 195 -11.29 -2.51 8.05
CA ASP A 195 -10.25 -2.02 7.14
C ASP A 195 -10.61 -2.39 5.72
N GLY A 196 -10.45 -1.43 4.81
CA GLY A 196 -10.83 -1.65 3.42
C GLY A 196 -10.14 -2.86 2.79
N ARG A 197 -8.88 -3.11 3.18
CA ARG A 197 -8.15 -4.23 2.61
C ARG A 197 -8.93 -5.54 2.73
N PHE A 198 -9.60 -5.75 3.86
CA PHE A 198 -10.22 -7.04 4.12
C PHE A 198 -11.56 -7.17 3.43
N TYR A 199 -12.32 -6.07 3.33
CA TYR A 199 -13.49 -6.07 2.45
C TYR A 199 -13.08 -6.32 1.02
N PHE A 200 -12.05 -5.59 0.56
CA PHE A 200 -11.59 -5.71 -0.82
C PHE A 200 -11.25 -7.15 -1.17
N HIS A 201 -10.50 -7.82 -0.30
CA HIS A 201 -9.99 -9.15 -0.61
C HIS A 201 -10.97 -10.27 -0.30
N LEU A 202 -11.88 -10.06 0.65
CA LEU A 202 -12.96 -11.03 0.84
C LEU A 202 -13.87 -11.06 -0.38
N GLY A 203 -14.28 -9.88 -0.84
CA GLY A 203 -15.13 -9.83 -2.03
C GLY A 203 -14.45 -10.46 -3.24
N ASP A 204 -13.18 -10.11 -3.47
CA ASP A 204 -12.45 -10.69 -4.59
C ASP A 204 -12.36 -12.21 -4.45
N ALA A 205 -12.01 -12.69 -3.25
CA ALA A 205 -11.96 -14.13 -3.03
C ALA A 205 -13.31 -14.78 -3.32
N MET A 206 -14.39 -14.14 -2.90
CA MET A 206 -15.73 -14.69 -3.16
CA MET A 206 -15.72 -14.69 -3.16
C MET A 206 -16.03 -14.69 -4.66
N GLN A 207 -15.63 -13.62 -5.36
CA GLN A 207 -15.86 -13.57 -6.80
C GLN A 207 -15.13 -14.71 -7.51
N ARG A 208 -13.92 -15.04 -7.05
CA ARG A 208 -13.12 -16.04 -7.74
C ARG A 208 -13.72 -17.44 -7.60
N VAL A 209 -14.43 -17.71 -6.50
CA VAL A 209 -15.01 -19.03 -6.28
C VAL A 209 -16.49 -19.08 -6.64
N GLY A 210 -17.03 -18.00 -7.23
CA GLY A 210 -18.41 -18.00 -7.67
C GLY A 210 -19.43 -17.69 -6.60
N ASN A 211 -19.00 -17.23 -5.43
CA ASN A 211 -19.91 -16.89 -4.35
C ASN A 211 -20.57 -15.54 -4.65
N LYS A 212 -21.89 -15.55 -4.82
CA LYS A 212 -22.62 -14.36 -5.23
C LYS A 212 -22.81 -13.33 -4.12
N GLU A 213 -22.42 -13.65 -2.89
CA GLU A 213 -22.51 -12.69 -1.79
C GLU A 213 -21.37 -11.66 -1.82
N ALA A 214 -20.52 -11.69 -2.84
CA ALA A 214 -19.33 -10.84 -2.84
C ALA A 214 -19.71 -9.37 -2.77
N TYR A 215 -20.67 -8.94 -3.58
CA TYR A 215 -21.06 -7.54 -3.57
C TYR A 215 -21.84 -7.17 -2.31
N LYS A 216 -22.32 -8.17 -1.56
CA LYS A 216 -22.79 -7.89 -0.20
C LYS A 216 -21.71 -7.21 0.61
N TRP A 217 -20.45 -7.62 0.43
CA TRP A 217 -19.35 -7.06 1.19
C TRP A 217 -18.81 -5.78 0.55
N TYR A 218 -18.81 -5.68 -0.77
CA TYR A 218 -18.52 -4.42 -1.41
C TYR A 218 -19.52 -3.35 -1.00
N GLU A 219 -20.80 -3.73 -0.89
CA GLU A 219 -21.80 -2.79 -0.41
C GLU A 219 -21.46 -2.27 0.98
N LEU A 220 -21.17 -3.19 1.91
CA LEU A 220 -20.87 -2.79 3.28
C LEU A 220 -19.58 -1.98 3.33
N GLY A 221 -18.58 -2.35 2.53
CA GLY A 221 -17.36 -1.57 2.47
C GLY A 221 -17.59 -0.17 1.97
N HIS A 222 -18.54 0.01 1.06
CA HIS A 222 -18.91 1.35 0.62
C HIS A 222 -19.66 2.10 1.72
N LYS A 223 -20.56 1.40 2.42
CA LYS A 223 -21.30 2.04 3.50
C LYS A 223 -20.37 2.49 4.63
N ARG A 224 -19.31 1.73 4.89
CA ARG A 224 -18.38 2.04 5.97
C ARG A 224 -17.22 2.92 5.52
N GLY A 225 -17.25 3.42 4.28
CA GLY A 225 -16.37 4.49 3.86
C GLY A 225 -15.03 4.05 3.30
N HIS A 226 -14.85 2.78 2.96
CA HIS A 226 -13.59 2.32 2.41
C HIS A 226 -13.52 2.46 0.89
N PHE A 227 -14.65 2.28 0.20
CA PHE A 227 -14.72 2.35 -1.25
C PHE A 227 -15.52 3.57 -1.67
N ALA A 228 -15.02 4.31 -2.66
CA ALA A 228 -15.80 5.41 -3.22
C ALA A 228 -17.13 4.92 -3.76
N SER A 229 -17.14 3.73 -4.36
CA SER A 229 -18.35 3.09 -4.83
C SER A 229 -18.17 1.58 -4.72
N VAL A 230 -19.23 0.84 -5.03
CA VAL A 230 -19.12 -0.62 -5.02
C VAL A 230 -18.38 -1.13 -6.24
N TRP A 231 -18.28 -0.33 -7.31
CA TRP A 231 -17.53 -0.72 -8.50
C TRP A 231 -16.09 -0.21 -8.48
N GLN A 232 -15.84 0.93 -7.87
CA GLN A 232 -14.52 1.54 -7.79
C GLN A 232 -14.01 1.35 -6.36
N ARG A 233 -13.07 0.41 -6.19
CA ARG A 233 -12.64 -0.02 -4.87
C ARG A 233 -11.15 0.19 -4.62
N SER A 234 -10.52 1.13 -5.33
CA SER A 234 -9.17 1.53 -5.00
C SER A 234 -9.12 2.05 -3.56
N LEU A 235 -7.92 2.00 -2.97
CA LEU A 235 -7.75 2.33 -1.56
C LEU A 235 -6.73 3.44 -1.31
N TYR A 236 -6.00 3.89 -2.33
CA TYR A 236 -5.05 5.00 -2.21
C TYR A 236 -5.55 6.12 -3.10
N ASN A 237 -6.53 6.88 -2.60
CA ASN A 237 -7.30 7.80 -3.43
C ASN A 237 -7.13 9.24 -2.95
N VAL A 238 -7.27 10.16 -3.90
CA VAL A 238 -7.54 11.56 -3.63
C VAL A 238 -9.02 11.77 -3.85
N ASN A 239 -9.78 11.94 -2.76
CA ASN A 239 -11.22 12.01 -2.87
C ASN A 239 -11.65 13.27 -3.62
N GLY A 240 -12.68 13.11 -4.46
CA GLY A 240 -13.26 14.22 -5.21
C GLY A 240 -12.97 14.17 -6.70
N LEU A 241 -11.95 13.43 -7.13
CA LEU A 241 -11.62 13.38 -8.54
C LEU A 241 -12.73 12.71 -9.33
N LYS A 242 -13.08 13.29 -10.48
CA LYS A 242 -14.16 12.76 -11.30
C LYS A 242 -13.97 11.26 -11.52
N ALA A 243 -15.05 10.51 -11.27
CA ALA A 243 -15.01 9.04 -11.30
C ALA A 243 -15.97 8.53 -12.37
N GLN A 244 -15.42 7.97 -13.45
CA GLN A 244 -16.23 7.23 -14.40
C GLN A 244 -15.33 6.20 -15.07
N PRO A 245 -15.88 5.02 -15.43
CA PRO A 245 -15.00 3.93 -15.91
C PRO A 245 -14.30 4.24 -17.22
N TRP A 246 -14.98 4.86 -18.19
CA TRP A 246 -14.41 5.11 -19.51
C TRP A 246 -14.31 6.61 -19.77
N TRP A 247 -13.25 7.01 -20.47
CA TRP A 247 -13.01 8.40 -20.81
C TRP A 247 -12.76 8.54 -22.30
N THR A 248 -12.96 9.75 -22.80
CA THR A 248 -12.56 10.13 -24.14
C THR A 248 -11.28 10.95 -24.09
N PRO A 249 -10.51 10.98 -25.17
CA PRO A 249 -9.28 11.80 -25.16
C PRO A 249 -9.54 13.25 -24.76
N LYS A 250 -10.62 13.86 -25.25
CA LYS A 250 -10.92 15.23 -24.86
C LYS A 250 -11.25 15.34 -23.39
N GLU A 251 -11.96 14.35 -22.84
CA GLU A 251 -12.33 14.39 -21.43
C GLU A 251 -11.10 14.41 -20.53
N THR A 252 -9.98 13.83 -20.99
CA THR A 252 -8.76 13.84 -20.20
C THR A 252 -7.91 15.08 -20.42
N GLY A 253 -8.05 15.74 -21.57
CA GLY A 253 -7.20 16.86 -21.89
C GLY A 253 -5.81 16.49 -22.37
N TYR A 254 -5.50 15.20 -22.45
CA TYR A 254 -4.21 14.74 -22.96
C TYR A 254 -4.30 14.42 -24.44
N THR A 255 -4.85 15.36 -25.22
CA THR A 255 -5.12 15.09 -26.63
C THR A 255 -3.83 15.03 -27.44
N GLU A 256 -2.78 15.76 -27.04
CA GLU A 256 -1.52 15.67 -27.76
C GLU A 256 -0.86 14.31 -27.56
N LEU A 257 -0.91 13.78 -26.33
CA LEU A 257 -0.37 12.45 -26.09
C LEU A 257 -1.11 11.41 -26.91
N VAL A 258 -2.44 11.45 -26.90
CA VAL A 258 -3.22 10.49 -27.66
C VAL A 258 -2.86 10.55 -29.14
N LYS A 259 -2.80 11.77 -29.69
CA LYS A 259 -2.43 11.93 -31.10
C LYS A 259 -1.06 11.35 -31.36
N SER A 260 -0.09 11.65 -30.50
CA SER A 260 1.25 11.12 -30.69
C SER A 260 1.27 9.60 -30.67
N LEU A 261 0.45 9.00 -29.81
CA LEU A 261 0.40 7.55 -29.74
C LEU A 261 -0.23 6.95 -30.99
N GLU A 262 -1.33 7.53 -31.46
CA GLU A 262 -2.03 6.98 -32.61
C GLU A 262 -1.31 7.26 -33.91
N ARG A 263 -0.66 8.43 -34.04
CA ARG A 263 0.02 8.75 -35.28
C ARG A 263 1.31 7.94 -35.44
N ASN A 264 1.95 7.57 -34.34
CA ASN A 264 3.23 6.85 -34.36
C ASN A 264 3.08 5.40 -33.90
N TRP A 265 1.91 4.80 -34.10
CA TRP A 265 1.63 3.52 -33.46
C TRP A 265 2.45 2.39 -34.08
N LYS A 266 2.63 2.41 -35.41
CA LYS A 266 3.41 1.36 -36.05
C LYS A 266 4.84 1.32 -35.50
N LEU A 267 5.42 2.49 -35.24
CA LEU A 267 6.74 2.54 -34.63
C LEU A 267 6.73 1.88 -33.25
N ILE A 268 5.73 2.21 -32.42
CA ILE A 268 5.63 1.60 -31.10
C ILE A 268 5.45 0.10 -31.22
N ARG A 269 4.59 -0.34 -32.15
CA ARG A 269 4.41 -1.77 -32.40
C ARG A 269 5.73 -2.43 -32.77
N ASP A 270 6.42 -1.88 -33.76
CA ASP A 270 7.61 -2.55 -34.30
C ASP A 270 8.68 -2.74 -33.24
N GLU A 271 8.86 -1.74 -32.36
CA GLU A 271 9.87 -1.90 -31.30
C GLU A 271 9.43 -2.94 -30.28
N GLY A 272 8.13 -3.06 -30.02
CA GLY A 272 7.66 -4.13 -29.16
C GLY A 272 7.84 -5.50 -29.78
N LEU A 273 7.51 -5.63 -31.07
CA LEU A 273 7.71 -6.89 -31.76
C LEU A 273 9.19 -7.26 -31.84
N ALA A 274 10.05 -6.26 -32.01
CA ALA A 274 11.48 -6.53 -32.05
C ALA A 274 11.96 -7.11 -30.73
N VAL A 275 11.45 -6.59 -29.62
CA VAL A 275 11.82 -7.13 -28.31
C VAL A 275 11.27 -8.54 -28.15
N MET A 276 10.05 -8.79 -28.65
CA MET A 276 9.49 -10.13 -28.58
C MET A 276 10.37 -11.14 -29.30
N ASP A 277 10.97 -10.73 -30.43
CA ASP A 277 11.74 -11.66 -31.25
C ASP A 277 13.17 -11.83 -30.78
N LYS A 278 13.83 -10.74 -30.36
CA LYS A 278 15.25 -10.76 -30.07
C LYS A 278 15.58 -10.56 -28.59
N ALA A 279 14.60 -10.22 -27.76
CA ALA A 279 14.85 -9.97 -26.34
C ALA A 279 13.62 -10.39 -25.54
N LYS A 280 13.25 -11.67 -25.66
CA LYS A 280 12.04 -12.18 -25.02
C LYS A 280 12.07 -11.95 -23.52
N GLY A 281 13.24 -12.08 -22.90
CA GLY A 281 13.34 -12.02 -21.46
C GLY A 281 12.89 -10.70 -20.86
N LEU A 282 12.91 -9.62 -21.65
CA LEU A 282 12.45 -8.33 -21.14
C LEU A 282 10.97 -8.33 -20.80
N PHE A 283 10.20 -9.23 -21.42
CA PHE A 283 8.80 -9.42 -21.05
C PHE A 283 8.74 -10.31 -19.81
N LEU A 284 8.15 -9.78 -18.73
CA LEU A 284 8.08 -10.51 -17.48
C LEU A 284 6.65 -10.97 -17.21
N PRO A 285 6.44 -12.21 -16.74
CA PRO A 285 5.07 -12.67 -16.47
C PRO A 285 4.41 -11.82 -15.40
N GLU A 286 3.11 -11.59 -15.58
CA GLU A 286 2.32 -10.93 -14.56
C GLU A 286 2.40 -11.72 -13.25
N ASP A 287 2.75 -11.02 -12.16
CA ASP A 287 3.08 -11.66 -10.90
C ASP A 287 2.24 -11.09 -9.77
N GLU A 288 0.97 -10.80 -10.03
CA GLU A 288 0.04 -10.30 -9.02
C GLU A 288 -1.16 -11.22 -8.82
N ASN A 289 -1.10 -12.44 -9.34
CA ASN A 289 -2.15 -13.44 -9.13
C ASN A 289 -3.49 -12.96 -9.71
N LEU A 290 -3.42 -12.27 -10.84
CA LEU A 290 -4.62 -11.72 -11.48
C LEU A 290 -5.20 -12.63 -12.55
N ARG A 291 -4.55 -13.74 -12.87
CA ARG A 291 -4.98 -14.64 -13.93
C ARG A 291 -5.71 -15.85 -13.35
N GLU A 292 -6.83 -16.20 -13.99
CA GLU A 292 -7.40 -17.52 -13.78
C GLU A 292 -6.63 -18.57 -14.58
N LYS A 293 -6.19 -18.20 -15.78
CA LYS A 293 -5.51 -19.11 -16.69
C LYS A 293 -4.88 -18.26 -17.79
N GLY A 294 -3.95 -18.87 -18.52
CA GLY A 294 -3.37 -18.25 -19.71
C GLY A 294 -1.99 -17.69 -19.46
N ASP A 295 -1.47 -17.06 -20.52
CA ASP A 295 -0.14 -16.47 -20.54
C ASP A 295 -0.27 -14.97 -20.71
N TRP A 296 0.49 -14.21 -19.91
CA TRP A 296 0.34 -12.76 -19.87
C TRP A 296 1.63 -12.19 -19.31
N SER A 297 2.28 -11.31 -20.09
CA SER A 297 3.59 -10.77 -19.74
C SER A 297 3.64 -9.31 -20.13
N GLN A 298 4.50 -8.55 -19.45
CA GLN A 298 4.59 -7.11 -19.66
CA GLN A 298 4.60 -7.11 -19.65
C GLN A 298 6.05 -6.70 -19.74
N PHE A 299 6.33 -5.71 -20.58
CA PHE A 299 7.67 -5.16 -20.82
C PHE A 299 7.61 -3.69 -20.43
N THR A 300 8.19 -3.36 -19.28
CA THR A 300 7.95 -2.09 -18.61
C THR A 300 9.06 -1.09 -18.91
N LEU A 301 8.67 0.09 -19.38
CA LEU A 301 9.60 1.18 -19.66
C LEU A 301 9.66 2.21 -18.54
N TRP A 302 8.52 2.55 -17.95
CA TRP A 302 8.43 3.45 -16.82
C TRP A 302 7.61 2.80 -15.72
N GLN A 303 8.07 2.95 -14.47
CA GLN A 303 7.29 2.55 -13.31
C GLN A 303 7.60 3.52 -12.19
N GLN A 304 6.55 3.96 -11.49
CA GLN A 304 6.68 4.95 -10.43
C GLN A 304 7.40 6.21 -10.92
N GLY A 305 7.17 6.57 -12.17
CA GLY A 305 7.78 7.77 -12.72
C GLY A 305 9.26 7.67 -12.96
N ARG A 306 9.81 6.45 -12.99
CA ARG A 306 11.22 6.23 -13.24
C ARG A 306 11.39 5.50 -14.56
N ARG A 307 12.17 6.09 -15.46
CA ARG A 307 12.55 5.41 -16.69
C ARG A 307 13.50 4.26 -16.37
N ASN A 308 13.19 3.07 -16.87
CA ASN A 308 14.12 1.94 -16.83
C ASN A 308 15.02 2.04 -18.04
N GLU A 309 16.28 2.41 -17.83
CA GLU A 309 17.16 2.75 -18.94
C GLU A 309 17.50 1.51 -19.76
N ASN A 310 17.75 0.38 -19.12
CA ASN A 310 17.99 -0.85 -19.89
C ASN A 310 16.76 -1.21 -20.72
N ALA A 311 15.57 -1.07 -20.13
CA ALA A 311 14.36 -1.37 -20.87
C ALA A 311 14.21 -0.47 -22.09
N CYS A 312 14.55 0.81 -21.95
CA CYS A 312 14.40 1.74 -23.06
C CYS A 312 15.38 1.48 -24.18
N LYS A 313 16.48 0.77 -23.92
CA LYS A 313 17.34 0.34 -25.02
C LYS A 313 16.55 -0.45 -26.05
N GLY A 314 15.54 -1.19 -25.62
CA GLY A 314 14.79 -2.06 -26.50
C GLY A 314 13.66 -1.36 -27.21
N ALA A 315 13.27 -0.19 -26.71
CA ALA A 315 12.26 0.66 -27.35
C ALA A 315 12.76 2.10 -27.35
N PRO A 316 13.90 2.35 -27.99
CA PRO A 316 14.50 3.70 -27.87
C PRO A 316 13.65 4.80 -28.47
N LYS A 317 13.13 4.60 -29.68
CA LYS A 317 12.31 5.64 -30.31
C LYS A 317 11.01 5.85 -29.53
N THR A 318 10.42 4.76 -29.03
CA THR A 318 9.20 4.90 -28.23
C THR A 318 9.47 5.72 -26.97
N CYS A 319 10.57 5.43 -26.27
CA CYS A 319 10.88 6.19 -25.06
C CYS A 319 11.12 7.65 -25.39
N THR A 320 11.85 7.93 -26.47
CA THR A 320 12.06 9.32 -26.87
C THR A 320 10.73 10.02 -27.16
N LEU A 321 9.82 9.33 -27.85
CA LEU A 321 8.51 9.89 -28.11
C LEU A 321 7.78 10.24 -26.81
N LEU A 322 7.87 9.36 -25.80
CA LEU A 322 7.11 9.57 -24.58
C LEU A 322 7.70 10.66 -23.71
N GLU A 323 9.02 10.91 -23.82
CA GLU A 323 9.66 11.90 -22.97
C GLU A 323 9.01 13.28 -23.08
N LYS A 324 8.30 13.55 -24.17
CA LYS A 324 7.68 14.85 -24.35
C LYS A 324 6.44 15.05 -23.49
N PHE A 325 5.95 14.00 -22.82
CA PHE A 325 4.67 14.04 -22.11
C PHE A 325 4.88 13.70 -20.65
N PRO A 326 5.20 14.69 -19.81
CA PRO A 326 5.39 14.40 -18.37
C PRO A 326 4.14 13.89 -17.68
N GLU A 327 2.95 14.12 -18.25
CA GLU A 327 1.74 13.63 -17.61
C GLU A 327 1.74 12.11 -17.46
N THR A 328 2.57 11.41 -18.23
CA THR A 328 2.72 9.97 -18.09
C THR A 328 4.09 9.56 -17.58
N THR A 329 5.17 10.13 -18.15
CA THR A 329 6.50 9.77 -17.69
C THR A 329 6.76 10.22 -16.26
N GLY A 330 6.02 11.21 -15.78
CA GLY A 330 6.09 11.65 -14.40
C GLY A 330 4.97 11.15 -13.52
N CYS A 331 4.13 10.23 -14.02
CA CYS A 331 3.05 9.65 -13.22
C CYS A 331 3.65 8.59 -12.31
N ARG A 332 3.93 8.97 -11.07
CA ARG A 332 4.54 8.08 -10.10
C ARG A 332 3.54 7.10 -9.49
N ARG A 333 2.31 7.06 -10.00
CA ARG A 333 1.31 6.10 -9.57
C ARG A 333 0.80 5.27 -10.76
N GLY A 334 1.64 5.14 -11.79
CA GLY A 334 1.29 4.37 -12.96
C GLY A 334 2.54 3.84 -13.65
N GLN A 335 2.33 3.17 -14.77
CA GLN A 335 3.42 2.60 -15.55
C GLN A 335 3.24 2.91 -17.03
N ILE A 336 4.30 2.67 -17.79
CA ILE A 336 4.27 2.65 -19.25
C ILE A 336 4.88 1.32 -19.66
N LYS A 337 4.10 0.50 -20.38
CA LYS A 337 4.56 -0.86 -20.62
C LYS A 337 3.82 -1.48 -21.78
N TYR A 338 4.53 -2.33 -22.52
CA TYR A 338 3.90 -3.25 -23.45
C TYR A 338 3.25 -4.39 -22.67
N SER A 339 2.14 -4.90 -23.21
CA SER A 339 1.41 -5.99 -22.56
C SER A 339 0.99 -6.99 -23.64
N ILE A 340 1.45 -8.22 -23.51
CA ILE A 340 1.12 -9.29 -24.45
C ILE A 340 0.28 -10.33 -23.72
N MET A 341 -0.77 -10.81 -24.39
CA MET A 341 -1.68 -11.79 -23.83
C MET A 341 -2.00 -12.80 -24.91
N HIS A 342 -1.97 -14.08 -24.54
CA HIS A 342 -2.13 -15.16 -25.49
C HIS A 342 -3.46 -15.86 -25.33
N PRO A 343 -3.90 -16.63 -26.34
CA PRO A 343 -5.20 -17.30 -26.24
C PRO A 343 -5.30 -18.19 -25.01
N GLY A 344 -6.53 -18.38 -24.54
CA GLY A 344 -6.76 -19.14 -23.34
C GLY A 344 -6.49 -18.39 -22.06
N THR A 345 -6.52 -17.07 -22.08
CA THR A 345 -6.23 -16.24 -20.92
C THR A 345 -7.52 -15.58 -20.44
N HIS A 346 -7.77 -15.66 -19.14
CA HIS A 346 -8.83 -14.92 -18.48
C HIS A 346 -8.24 -14.23 -17.27
N VAL A 347 -8.40 -12.90 -17.21
CA VAL A 347 -7.92 -12.10 -16.08
C VAL A 347 -9.11 -11.89 -15.14
N TRP A 348 -8.94 -12.29 -13.88
CA TRP A 348 -9.98 -12.13 -12.88
C TRP A 348 -10.51 -10.69 -12.86
N PRO A 349 -11.77 -10.47 -12.51
CA PRO A 349 -12.19 -9.11 -12.16
C PRO A 349 -11.31 -8.56 -11.06
N HIS A 350 -10.78 -7.37 -11.28
CA HIS A 350 -9.84 -6.79 -10.32
C HIS A 350 -9.87 -5.27 -10.42
N THR A 351 -9.26 -4.63 -9.44
CA THR A 351 -9.22 -3.18 -9.32
C THR A 351 -7.79 -2.74 -9.04
N GLY A 352 -7.40 -1.60 -9.61
CA GLY A 352 -6.10 -1.02 -9.34
C GLY A 352 -6.05 -0.39 -7.96
N PRO A 353 -4.85 0.00 -7.53
CA PRO A 353 -4.71 0.51 -6.15
C PRO A 353 -5.14 1.94 -5.95
N THR A 354 -5.23 2.74 -7.01
CA THR A 354 -5.38 4.18 -6.86
C THR A 354 -6.36 4.71 -7.89
N ASN A 355 -7.10 5.74 -7.50
CA ASN A 355 -7.95 6.49 -8.42
C ASN A 355 -7.24 7.70 -9.00
N CYS A 356 -5.95 7.86 -8.73
CA CYS A 356 -5.19 9.02 -9.15
C CYS A 356 -4.56 8.88 -10.52
N ARG A 357 -4.89 7.81 -11.25
CA ARG A 357 -4.36 7.61 -12.59
C ARG A 357 -5.49 7.19 -13.53
N LEU A 358 -5.31 7.50 -14.80
CA LEU A 358 -6.09 6.92 -15.88
C LEU A 358 -5.18 6.07 -16.74
N ARG A 359 -5.75 5.04 -17.35
CA ARG A 359 -4.98 4.04 -18.08
C ARG A 359 -5.37 4.08 -19.55
N MET A 360 -4.38 4.33 -20.41
CA MET A 360 -4.58 4.33 -21.86
C MET A 360 -4.10 3.00 -22.44
N HIS A 361 -4.85 2.49 -23.41
CA HIS A 361 -4.51 1.25 -24.12
C HIS A 361 -4.41 1.55 -25.61
N LEU A 362 -3.19 1.50 -26.15
CA LEU A 362 -2.98 1.62 -27.59
C LEU A 362 -2.92 0.24 -28.21
N GLY A 363 -3.75 0.02 -29.24
CA GLY A 363 -3.76 -1.26 -29.93
C GLY A 363 -2.56 -1.38 -30.85
N LEU A 364 -1.83 -2.49 -30.75
CA LEU A 364 -0.67 -2.73 -31.58
C LEU A 364 -0.86 -3.94 -32.49
N VAL A 365 -1.17 -5.10 -31.93
CA VAL A 365 -1.48 -6.31 -32.69
C VAL A 365 -2.75 -6.88 -32.07
N ILE A 366 -3.88 -6.71 -32.74
CA ILE A 366 -5.18 -7.12 -32.22
C ILE A 366 -5.82 -8.12 -33.17
N PRO A 367 -5.99 -9.38 -32.77
CA PRO A 367 -6.73 -10.32 -33.62
C PRO A 367 -8.15 -9.83 -33.88
N LYS A 368 -8.71 -10.28 -35.01
CA LYS A 368 -10.03 -9.80 -35.40
C LYS A 368 -11.11 -10.19 -34.38
N GLU A 369 -10.97 -11.34 -33.75
CA GLU A 369 -11.97 -11.82 -32.81
C GLU A 369 -11.29 -12.49 -31.62
N GLY A 370 -11.92 -12.36 -30.44
CA GLY A 370 -11.54 -13.10 -29.27
C GLY A 370 -10.99 -12.29 -28.12
N CYS A 371 -10.70 -11.00 -28.32
CA CYS A 371 -10.12 -10.15 -27.29
C CYS A 371 -11.12 -9.06 -26.90
N LYS A 372 -11.32 -8.88 -25.60
CA LYS A 372 -12.21 -7.84 -25.10
C LYS A 372 -11.86 -7.54 -23.66
N ILE A 373 -12.25 -6.34 -23.22
CA ILE A 373 -11.98 -5.87 -21.86
C ILE A 373 -13.25 -5.21 -21.33
N ARG A 374 -13.71 -5.67 -20.17
CA ARG A 374 -14.82 -5.04 -19.47
C ARG A 374 -14.28 -4.16 -18.35
N CYS A 375 -14.88 -2.98 -18.21
CA CYS A 375 -14.64 -2.11 -17.07
C CYS A 375 -15.98 -1.60 -16.59
N ALA A 376 -16.31 -1.87 -15.33
CA ALA A 376 -17.63 -1.57 -14.77
C ALA A 376 -18.64 -2.40 -15.54
N ASN A 377 -19.57 -1.82 -16.30
CA ASN A 377 -20.59 -2.58 -17.00
C ASN A 377 -20.52 -2.44 -18.51
N GLU A 378 -19.56 -1.70 -19.05
CA GLU A 378 -19.37 -1.59 -20.50
C GLU A 378 -18.15 -2.39 -20.91
N THR A 379 -18.30 -3.22 -21.93
CA THR A 379 -17.22 -4.02 -22.48
C THR A 379 -16.86 -3.49 -23.86
N LYS A 380 -15.55 -3.44 -24.15
CA LYS A 380 -15.07 -2.85 -25.39
C LYS A 380 -13.93 -3.69 -25.97
N THR A 381 -13.57 -3.36 -27.21
CA THR A 381 -12.53 -4.05 -27.95
C THR A 381 -11.42 -3.08 -28.31
N TRP A 382 -10.24 -3.63 -28.58
CA TRP A 382 -9.10 -2.84 -29.02
C TRP A 382 -9.10 -2.73 -30.54
N GLU A 383 -8.43 -1.68 -31.03
CA GLU A 383 -8.21 -1.48 -32.45
C GLU A 383 -6.74 -1.13 -32.68
N GLU A 384 -6.15 -1.70 -33.73
CA GLU A 384 -4.77 -1.41 -34.04
C GLU A 384 -4.61 0.06 -34.37
N GLY A 385 -3.79 0.75 -33.60
CA GLY A 385 -3.54 2.17 -33.80
C GLY A 385 -4.53 3.09 -33.14
N LYS A 386 -5.40 2.59 -32.27
CA LYS A 386 -6.36 3.42 -31.56
C LYS A 386 -6.21 3.23 -30.06
N VAL A 387 -6.57 4.28 -29.31
CA VAL A 387 -6.35 4.34 -27.87
C VAL A 387 -7.68 4.22 -27.16
N LEU A 388 -7.77 3.25 -26.25
CA LEU A 388 -8.82 3.19 -25.25
C LEU A 388 -8.31 3.82 -23.96
N ILE A 389 -9.22 4.41 -23.20
CA ILE A 389 -8.90 5.02 -21.91
C ILE A 389 -9.94 4.59 -20.89
N PHE A 390 -9.49 4.07 -19.76
CA PHE A 390 -10.40 3.69 -18.70
C PHE A 390 -9.75 3.95 -17.35
N ASP A 391 -10.59 4.09 -16.32
CA ASP A 391 -10.14 4.28 -14.95
C ASP A 391 -10.06 2.90 -14.30
N ASP A 392 -8.84 2.37 -14.19
CA ASP A 392 -8.68 1.00 -13.71
C ASP A 392 -8.90 0.86 -12.21
N SER A 393 -9.21 1.95 -11.51
CA SER A 393 -9.69 1.83 -10.13
C SER A 393 -11.09 1.22 -10.09
N PHE A 394 -11.82 1.26 -11.20
CA PHE A 394 -13.06 0.51 -11.33
C PHE A 394 -12.75 -0.95 -11.64
N GLU A 395 -13.66 -1.83 -11.24
CA GLU A 395 -13.48 -3.25 -11.52
C GLU A 395 -13.42 -3.46 -13.03
N HIS A 396 -12.41 -4.20 -13.48
CA HIS A 396 -12.28 -4.51 -14.90
C HIS A 396 -11.80 -5.95 -15.07
N GLU A 397 -12.13 -6.51 -16.24
CA GLU A 397 -11.92 -7.90 -16.55
C GLU A 397 -11.51 -8.02 -18.01
N VAL A 398 -10.72 -9.05 -18.33
CA VAL A 398 -10.13 -9.19 -19.66
C VAL A 398 -10.18 -10.66 -20.07
N TRP A 399 -10.48 -10.89 -21.34
CA TRP A 399 -10.46 -12.22 -21.94
C TRP A 399 -9.56 -12.20 -23.18
N GLN A 400 -9.02 -13.38 -23.51
CA GLN A 400 -8.24 -13.56 -24.73
C GLN A 400 -8.54 -14.97 -25.24
N ASP A 401 -9.38 -15.06 -26.26
CA ASP A 401 -9.73 -16.33 -26.88
C ASP A 401 -9.60 -16.24 -28.40
N ALA A 402 -8.56 -15.57 -28.88
CA ALA A 402 -8.26 -15.53 -30.29
C ALA A 402 -7.42 -16.76 -30.64
N SER A 403 -6.86 -16.78 -31.85
CA SER A 403 -5.98 -17.87 -32.27
C SER A 403 -4.53 -17.41 -32.43
N SER A 404 -4.21 -16.23 -31.94
CA SER A 404 -2.85 -15.70 -32.00
C SER A 404 -2.71 -14.66 -30.90
N PHE A 405 -1.51 -14.08 -30.79
CA PHE A 405 -1.22 -13.21 -29.66
C PHE A 405 -1.84 -11.82 -29.84
N ARG A 406 -2.02 -11.13 -28.72
CA ARG A 406 -2.59 -9.78 -28.69
C ARG A 406 -1.63 -8.88 -27.94
N LEU A 407 -1.15 -7.83 -28.60
CA LEU A 407 -0.17 -6.91 -28.04
C LEU A 407 -0.78 -5.51 -27.96
N ILE A 408 -0.68 -4.89 -26.78
CA ILE A 408 -1.11 -3.52 -26.59
C ILE A 408 -0.01 -2.75 -25.87
N PHE A 409 -0.11 -1.43 -25.92
CA PHE A 409 0.80 -0.52 -25.24
C PHE A 409 0.00 0.23 -24.18
N ILE A 410 0.46 0.16 -22.94
CA ILE A 410 -0.25 0.73 -21.79
C ILE A 410 0.48 1.99 -21.35
N VAL A 411 -0.25 3.08 -21.22
CA VAL A 411 0.30 4.38 -20.83
C VAL A 411 -0.60 4.95 -19.75
N ASP A 412 -0.10 5.04 -18.52
CA ASP A 412 -0.83 5.62 -17.41
C ASP A 412 -0.57 7.12 -17.32
N VAL A 413 -1.62 7.88 -17.00
CA VAL A 413 -1.53 9.32 -16.85
C VAL A 413 -2.13 9.72 -15.52
N TRP A 414 -1.56 10.77 -14.92
CA TRP A 414 -2.20 11.41 -13.79
C TRP A 414 -3.67 11.68 -14.09
N HIS A 415 -4.53 11.47 -13.10
CA HIS A 415 -5.91 11.93 -13.24
C HIS A 415 -5.87 13.43 -13.53
N PRO A 416 -6.57 13.90 -14.57
CA PRO A 416 -6.33 15.28 -15.03
C PRO A 416 -6.62 16.34 -13.98
N GLU A 417 -7.53 16.10 -13.05
CA GLU A 417 -7.89 17.11 -12.06
C GLU A 417 -6.89 17.22 -10.91
N LEU A 418 -5.84 16.42 -10.90
CA LEU A 418 -4.81 16.54 -9.88
C LEU A 418 -3.95 17.77 -10.16
N THR A 419 -3.60 18.49 -9.10
CA THR A 419 -2.85 19.72 -9.24
C THR A 419 -1.35 19.44 -9.33
N PRO A 420 -0.57 20.38 -9.87
CA PRO A 420 0.88 20.15 -9.98
C PRO A 420 1.55 19.78 -8.67
N GLN A 421 1.12 20.36 -7.55
CA GLN A 421 1.74 20.01 -6.27
C GLN A 421 1.30 18.63 -5.80
N GLN A 422 0.04 18.27 -6.07
CA GLN A 422 -0.41 16.92 -5.78
C GLN A 422 0.42 15.90 -6.55
N ARG A 423 0.62 16.15 -7.86
CA ARG A 423 1.42 15.24 -8.67
C ARG A 423 2.86 15.17 -8.20
N ARG A 424 3.35 16.23 -7.55
CA ARG A 424 4.73 16.26 -7.08
C ARG A 424 4.90 15.65 -5.69
N SER A 425 3.82 15.53 -4.92
CA SER A 425 3.91 15.15 -3.52
C SER A 425 3.35 13.77 -3.21
N LEU A 426 2.28 13.36 -3.87
CA LEU A 426 1.62 12.11 -3.50
C LEU A 426 2.63 10.96 -3.54
N PRO A 427 2.62 10.07 -2.54
CA PRO A 427 3.59 8.96 -2.55
C PRO A 427 3.40 8.06 -3.75
N ALA A 428 4.53 7.61 -4.30
CA ALA A 428 4.50 6.75 -5.48
C ALA A 428 3.86 5.41 -5.16
N ILE A 429 3.23 4.82 -6.18
CA ILE A 429 2.67 3.49 -6.07
C ILE A 429 3.11 2.66 -7.29
N GLY B 14 7.99 -5.80 -3.20
CA GLY B 14 6.76 -6.04 -3.94
C GLY B 14 5.90 -4.80 -4.05
N LYS B 15 5.50 -4.47 -5.27
CA LYS B 15 4.77 -3.25 -5.57
C LYS B 15 3.41 -3.57 -6.17
N CYS B 16 2.45 -2.68 -5.89
CA CYS B 16 1.10 -2.80 -6.45
C CYS B 16 1.09 -2.07 -7.79
N LYS B 17 1.10 -2.82 -8.88
CA LYS B 17 1.15 -2.25 -10.23
C LYS B 17 -0.22 -2.30 -10.91
N ASP B 18 -0.73 -3.50 -11.18
CA ASP B 18 -2.06 -3.66 -11.73
C ASP B 18 -3.11 -3.98 -10.67
N GLY B 19 -2.71 -4.46 -9.49
CA GLY B 19 -3.65 -4.92 -8.49
C GLY B 19 -3.41 -4.37 -7.09
N LEU B 20 -4.13 -4.91 -6.11
CA LEU B 20 -4.01 -4.46 -4.72
C LEU B 20 -3.65 -5.62 -3.79
N GLY B 21 -2.60 -6.37 -4.10
CA GLY B 21 -2.34 -7.58 -3.36
C GLY B 21 -1.35 -7.45 -2.22
N GLU B 22 -0.58 -6.37 -2.17
CA GLU B 22 0.32 -6.15 -1.05
C GLU B 22 -0.45 -5.56 0.13
N TYR B 23 0.09 -5.80 1.33
CA TYR B 23 -0.55 -5.26 2.52
C TYR B 23 -0.53 -3.73 2.52
N THR B 24 0.56 -3.13 2.05
CA THR B 24 0.64 -1.69 1.84
C THR B 24 1.35 -1.43 0.53
N CYS B 25 0.86 -0.45 -0.22
CA CYS B 25 1.37 -0.17 -1.55
C CYS B 25 2.32 1.02 -1.60
N THR B 26 2.48 1.74 -0.51
CA THR B 26 3.34 2.93 -0.48
C THR B 26 4.44 2.76 0.56
N SER B 27 5.44 3.63 0.46
CA SER B 27 6.46 3.80 1.48
C SER B 27 6.23 5.13 2.17
N LEU B 28 6.23 5.12 3.50
CA LEU B 28 5.92 6.31 4.27
C LEU B 28 7.20 7.08 4.61
N GLU B 29 7.05 8.40 4.77
CA GLU B 29 8.20 9.29 4.95
C GLU B 29 7.95 10.30 6.05
N GLY B 30 7.06 9.99 6.99
CA GLY B 30 6.77 10.89 8.09
C GLY B 30 5.89 12.06 7.70
N PHE B 31 6.23 13.25 8.17
CA PHE B 31 5.41 14.43 7.95
C PHE B 31 5.53 14.95 6.52
C1 GOL C . -5.13 -5.89 18.58
O1 GOL C . -4.66 -7.21 18.59
C2 GOL C . -4.16 -5.07 17.68
O2 GOL C . -3.09 -4.59 18.39
C3 GOL C . -5.04 -3.96 17.07
O3 GOL C . -4.25 -2.81 17.02
H11 GOL C . -5.15 -5.49 19.46
H12 GOL C . -6.03 -5.81 18.23
HO1 GOL C . -4.92 -7.54 19.33
H2 GOL C . -3.78 -5.64 16.99
HO2 GOL C . -2.41 -4.62 17.85
HO3 GOL C . -4.71 -2.18 16.71
C1 GOL D . -0.38 -11.29 -4.58
O1 GOL D . 0.13 -12.59 -4.44
C2 GOL D . 0.82 -10.33 -4.72
O2 GOL D . 1.72 -10.77 -5.69
C3 GOL D . 0.21 -8.94 -5.05
O3 GOL D . 1.22 -8.18 -5.65
H11 GOL D . -0.95 -11.20 -5.36
H12 GOL D . -0.92 -11.01 -3.83
HO1 GOL D . 0.82 -12.54 -3.93
H2 GOL D . 1.32 -10.29 -3.89
HO2 GOL D . 1.30 -11.19 -6.28
H31 GOL D . -0.56 -9.07 -5.62
H32 GOL D . -0.12 -8.55 -4.24
HO3 GOL D . 1.96 -8.57 -5.46
MN MN E . -5.88 -4.06 -14.60
C1 2HG F . -5.06 -3.26 -17.13
O1 2HG F . -4.80 -2.57 -18.13
C2 2HG F . -5.66 -4.64 -17.38
O2 2HG F . -4.84 -2.79 -15.99
C3 2HG F . -4.74 -5.51 -18.24
O3 2HG F . -5.81 -5.27 -16.15
C4 2HG F . -4.77 -5.12 -19.70
O4 2HG F . -4.27 -6.69 -21.45
C5 2HG F . -3.85 -6.00 -20.51
O5 2HG F . -2.63 -6.03 -20.27
H2 2HG F . -6.61 -4.52 -17.89
H3 2HG F . -5.05 -6.54 -18.14
H3A 2HG F . -3.74 -5.40 -17.86
HO3 2HG F . -4.99 -5.25 -15.68
H4 2HG F . -5.78 -5.23 -20.08
H4A 2HG F . -4.46 -4.09 -19.81
#